data_2X94
#
_entry.id   2X94
#
_cell.length_a   173.130
_cell.length_b   173.130
_cell.length_c   102.288
_cell.angle_alpha   90.00
_cell.angle_beta   90.00
_cell.angle_gamma   120.00
#
_symmetry.space_group_name_H-M   'H 3'
#
loop_
_entity.id
_entity.type
_entity.pdbx_description
1 polymer 'ANGIOTENSIN CONVERTING ENZYME'
2 branched beta-D-mannopyranose-(1-6)-alpha-D-mannopyranose-(1-3)-[alpha-D-mannopyranose-(1-6)]beta-D-mannopyranose-(1-4)-2-acetamido-2-deoxy-beta-D-glucopyranose-(1-4)-2-acetamido-2-deoxy-beta-D-glucopyranose
3 non-polymer '4-(2-HYDROXYETHYL)-1-PIPERAZINE ETHANESULFONIC ACID'
4 non-polymer 'ZINC ION'
5 non-polymer 2-acetamido-2-deoxy-beta-D-glucopyranose
6 non-polymer PERINDOPRILAT
7 water water
#
_entity_poly.entity_id   1
_entity_poly.type   'polypeptide(L)'
_entity_poly.pdbx_seq_one_letter_code
;ALVKEEIQAKEYLENLNKELAKRTNVETEAAWAYGSNITDENEKKKNEISAELAKFMKEVASDTTKFQWRSYQSEDLKRQ
FKALTKLGYAALPEDDYAELLDTLSAMESNFAKVKVCDYKDSTKCDLALDPEIEEVISKSRDHEELAYYWREFYDKAGTA
VRSQFERYVELNTKAAKLNNFTSGAEAWLDEYEDDTFEQQLEDIFADIRPLYQQIHGYVRFRLRKHYGDAVVSETGPIPM
HLLGNMWAQQWSEIADIVSPFPEKPLVDVSAEMEKQGYTPLKMFQMGDDFFTSMNLTKLPQDFWDKSIIEKPTDGRDLVC
HASAWDFYLTDDVRIKQCTRVTQDQLFTVHHELGHIQYFLQYQHQPFVYRTGANPGFHEAVGDVLSLSVSTPKHLEKIGL
LKDYVRDDEARINQLFLTALDKIVFLPFAFTMDKYRWSLFRGEVDKANWNCAFWKLRDEYSGIEPPVVRSEKDFDAPAKY
HISADVEYLRYLVSFIIQFQFYKSACIKAGQYDPDNVELPLDNCDIYGSAAAGAAFHNMLSMGASKPWPDALEAFNGERI
MSGKAIAEYFEPLRVWLEAENIKNNVHIGWTTSNKCVSS
;
_entity_poly.pdbx_strand_id   A
#
# COMPACT_ATOMS: atom_id res chain seq x y z
N ALA A 1 18.47 1.94 43.85
CA ALA A 1 18.75 3.26 43.21
C ALA A 1 18.78 3.14 41.67
N LEU A 2 18.62 4.28 41.01
CA LEU A 2 18.33 4.33 39.57
C LEU A 2 19.51 4.02 38.65
N VAL A 3 20.72 4.39 39.07
CA VAL A 3 21.93 4.14 38.27
C VAL A 3 22.18 2.64 38.09
N LYS A 4 22.04 1.88 39.17
CA LYS A 4 22.19 0.43 39.14
C LYS A 4 21.05 -0.24 38.37
N GLU A 5 19.84 0.31 38.52
CA GLU A 5 18.67 -0.26 37.86
C GLU A 5 18.72 -0.10 36.34
N GLU A 6 19.18 1.05 35.88
CA GLU A 6 19.29 1.32 34.44
C GLU A 6 20.28 0.37 33.77
N ILE A 7 21.34 -0.01 34.49
CA ILE A 7 22.29 -1.02 34.02
C ILE A 7 21.61 -2.39 33.88
N GLN A 8 20.83 -2.77 34.91
CA GLN A 8 20.06 -4.02 34.89
C GLN A 8 19.00 -4.01 33.78
N ALA A 9 18.37 -2.86 33.57
CA ALA A 9 17.36 -2.68 32.53
C ALA A 9 17.93 -2.91 31.12
N LYS A 10 19.13 -2.39 30.88
CA LYS A 10 19.82 -2.58 29.61
C LYS A 10 20.05 -4.07 29.30
N GLU A 11 20.46 -4.82 30.32
CA GLU A 11 20.64 -6.27 30.20
C GLU A 11 19.31 -6.98 30.02
N TYR A 12 18.27 -6.51 30.73
CA TYR A 12 16.93 -7.04 30.60
C TYR A 12 16.41 -6.93 29.17
N LEU A 13 16.56 -5.74 28.59
CA LEU A 13 16.09 -5.45 27.24
C LEU A 13 16.82 -6.27 26.18
N GLU A 14 18.14 -6.41 26.36
CA GLU A 14 18.97 -7.16 25.42
C GLU A 14 18.48 -8.61 25.29
N ASN A 15 18.21 -9.25 26.44
CA ASN A 15 17.70 -10.62 26.46
CA ASN A 15 17.71 -10.63 26.46
C ASN A 15 16.27 -10.74 25.95
N LEU A 16 15.42 -9.79 26.36
CA LEU A 16 14.01 -9.81 25.98
C LEU A 16 13.80 -9.63 24.47
N ASN A 17 14.54 -8.69 23.89
CA ASN A 17 14.50 -8.46 22.45
C ASN A 17 14.82 -9.73 21.67
N LYS A 18 15.90 -10.40 22.05
CA LYS A 18 16.28 -11.65 21.41
C LYS A 18 15.21 -12.72 21.58
N GLU A 19 14.58 -12.75 22.75
CA GLU A 19 13.49 -13.69 23.02
C GLU A 19 12.24 -13.38 22.18
N LEU A 20 11.93 -12.10 22.05
CA LEU A 20 10.77 -11.67 21.26
C LEU A 20 10.95 -12.00 19.78
N ALA A 21 12.17 -11.80 19.27
CA ALA A 21 12.50 -12.12 17.88
C ALA A 21 12.29 -13.61 17.60
N LYS A 22 12.73 -14.44 18.54
CA LYS A 22 12.63 -15.88 18.43
C LYS A 22 11.19 -16.38 18.53
N ARG A 23 10.42 -15.81 19.46
CA ARG A 23 9.00 -16.14 19.60
C ARG A 23 8.18 -15.66 18.41
N THR A 24 8.54 -14.50 17.86
CA THR A 24 7.85 -13.95 16.70
C THR A 24 8.15 -14.76 15.43
N ASN A 25 9.38 -15.28 15.33
CA ASN A 25 9.74 -16.20 14.26
C ASN A 25 8.73 -17.34 14.12
N VAL A 26 8.36 -17.93 15.25
CA VAL A 26 7.45 -19.07 15.28
C VAL A 26 6.03 -18.68 14.84
N GLU A 27 5.56 -17.52 15.31
CA GLU A 27 4.25 -17.01 14.89
C GLU A 27 4.25 -16.72 13.39
N THR A 28 5.34 -16.14 12.90
CA THR A 28 5.46 -15.77 11.49
C THR A 28 5.47 -16.99 10.57
N GLU A 29 6.15 -18.05 11.01
CA GLU A 29 6.19 -19.30 10.25
C GLU A 29 4.80 -19.91 10.06
N ALA A 30 3.99 -19.89 11.12
CA ALA A 30 2.62 -20.39 11.06
C ALA A 30 1.71 -19.51 10.20
N ALA A 31 1.96 -18.20 10.24
CA ALA A 31 1.23 -17.24 9.40
C ALA A 31 1.58 -17.42 7.93
N TRP A 32 2.87 -17.68 7.66
CA TRP A 32 3.36 -17.95 6.32
C TRP A 32 2.73 -19.22 5.75
N ALA A 33 2.69 -20.27 6.56
CA ALA A 33 2.14 -21.57 6.16
C ALA A 33 0.65 -21.48 5.82
N TYR A 34 -0.07 -20.66 6.57
CA TYR A 34 -1.50 -20.45 6.34
C TYR A 34 -1.74 -19.64 5.06
N GLY A 35 -0.97 -18.57 4.88
CA GLY A 35 -1.10 -17.70 3.71
C GLY A 35 -0.73 -18.38 2.41
N SER A 36 0.20 -19.33 2.49
CA SER A 36 0.67 -20.10 1.35
C SER A 36 -0.25 -21.29 1.05
N ASN A 37 -1.06 -21.65 2.04
CA ASN A 37 -1.86 -22.86 2.00
C ASN A 37 -3.02 -22.78 2.99
N ILE A 38 -4.15 -22.21 2.55
CA ILE A 38 -5.30 -22.01 3.42
C ILE A 38 -6.05 -23.30 3.70
N THR A 39 -5.95 -23.78 4.95
CA THR A 39 -6.69 -24.95 5.43
C THR A 39 -7.17 -24.67 6.86
N ASP A 40 -8.20 -25.41 7.28
CA ASP A 40 -8.71 -25.31 8.65
C ASP A 40 -7.63 -25.66 9.67
N GLU A 41 -6.77 -26.62 9.33
CA GLU A 41 -5.66 -27.03 10.18
C GLU A 41 -4.63 -25.92 10.35
N ASN A 42 -4.22 -25.31 9.24
CA ASN A 42 -3.25 -24.22 9.27
C ASN A 42 -3.78 -22.96 9.94
N GLU A 43 -5.08 -22.70 9.78
CA GLU A 43 -5.73 -21.57 10.45
C GLU A 43 -5.65 -21.75 11.96
N LYS A 44 -6.01 -22.94 12.43
CA LYS A 44 -5.97 -23.30 13.84
C LYS A 44 -4.57 -23.14 14.41
N LYS A 45 -3.56 -23.61 13.67
CA LYS A 45 -2.17 -23.50 14.08
C LYS A 45 -1.69 -22.06 14.17
N LYS A 46 -2.01 -21.26 13.14
CA LYS A 46 -1.68 -19.84 13.09
C LYS A 46 -2.25 -19.10 14.30
N ASN A 47 -3.53 -19.29 14.56
CA ASN A 47 -4.24 -18.58 15.62
C ASN A 47 -3.85 -19.02 17.04
N GLU A 48 -3.49 -20.29 17.20
CA GLU A 48 -3.08 -20.80 18.50
C GLU A 48 -1.70 -20.29 18.92
N ILE A 49 -0.77 -20.19 17.96
CA ILE A 49 0.55 -19.64 18.22
C ILE A 49 0.46 -18.14 18.57
N SER A 50 -0.41 -17.43 17.85
CA SER A 50 -0.65 -16.00 18.10
C SER A 50 -1.20 -15.75 19.51
N ALA A 51 -2.12 -16.61 19.95
CA ALA A 51 -2.68 -16.55 21.31
C ALA A 51 -1.60 -16.76 22.36
N GLU A 52 -0.68 -17.68 22.08
CA GLU A 52 0.45 -17.96 22.96
C GLU A 52 1.39 -16.77 23.07
N LEU A 53 1.72 -16.14 21.93
CA LEU A 53 2.57 -14.95 21.91
C LEU A 53 1.91 -13.78 22.63
N ALA A 54 0.60 -13.60 22.41
CA ALA A 54 -0.16 -12.55 23.07
C ALA A 54 -0.08 -12.66 24.59
N LYS A 55 -0.22 -13.89 25.10
CA LYS A 55 -0.13 -14.17 26.53
C LYS A 55 1.24 -13.76 27.07
N PHE A 56 2.30 -14.08 26.32
CA PHE A 56 3.66 -13.68 26.68
C PHE A 56 3.82 -12.16 26.70
N MET A 57 3.24 -11.48 25.71
CA MET A 57 3.30 -10.01 25.62
C MET A 57 2.66 -9.33 26.84
N LYS A 58 1.54 -9.91 27.30
CA LYS A 58 0.88 -9.44 28.52
C LYS A 58 1.82 -9.44 29.71
N GLU A 59 2.57 -10.53 29.86
CA GLU A 59 3.57 -10.67 30.92
C GLU A 59 4.68 -9.63 30.76
N VAL A 60 5.10 -9.40 29.52
CA VAL A 60 6.13 -8.39 29.21
C VAL A 60 5.66 -7.00 29.64
N ALA A 61 4.47 -6.62 29.21
CA ALA A 61 3.88 -5.33 29.55
C ALA A 61 3.74 -5.16 31.06
N SER A 62 3.39 -6.25 31.74
CA SER A 62 3.31 -6.27 33.20
C SER A 62 4.70 -6.06 33.82
N ASP A 63 5.70 -6.74 33.27
CA ASP A 63 7.08 -6.64 33.76
C ASP A 63 7.73 -5.27 33.59
N THR A 64 7.29 -4.49 32.60
CA THR A 64 7.84 -3.14 32.39
C THR A 64 7.61 -2.21 33.58
N THR A 65 6.50 -2.42 34.28
CA THR A 65 6.14 -1.61 35.46
C THR A 65 7.09 -1.83 36.64
N LYS A 66 7.89 -2.89 36.59
CA LYS A 66 8.90 -3.18 37.59
C LYS A 66 10.16 -2.33 37.41
N PHE A 67 10.27 -1.67 36.26
CA PHE A 67 11.39 -0.79 35.96
C PHE A 67 10.93 0.67 35.97
N GLN A 68 11.73 1.53 36.60
CA GLN A 68 11.44 2.96 36.61
C GLN A 68 11.89 3.59 35.30
N TRP A 69 11.40 3.04 34.19
CA TRP A 69 11.97 3.38 32.88
C TRP A 69 11.83 4.85 32.46
N ARG A 70 10.72 5.48 32.84
CA ARG A 70 10.51 6.91 32.56
C ARG A 70 11.53 7.82 33.26
N SER A 71 12.21 7.27 34.26
CA SER A 71 13.21 8.02 35.04
C SER A 71 14.63 7.89 34.49
N TYR A 72 14.82 7.09 33.44
CA TYR A 72 16.16 6.78 32.95
C TYR A 72 16.82 7.91 32.18
N GLN A 73 18.15 7.88 32.12
CA GLN A 73 18.94 8.87 31.39
C GLN A 73 18.92 8.61 29.89
N SER A 74 18.97 7.33 29.51
CA SER A 74 19.10 6.93 28.11
C SER A 74 17.78 7.04 27.35
N GLU A 75 17.75 7.95 26.38
CA GLU A 75 16.62 8.08 25.47
C GLU A 75 16.35 6.77 24.73
N ASP A 76 17.43 6.05 24.41
CA ASP A 76 17.33 4.76 23.71
C ASP A 76 16.63 3.71 24.55
N LEU A 77 17.04 3.56 25.81
CA LEU A 77 16.42 2.59 26.71
C LEU A 77 14.95 2.91 26.97
N LYS A 78 14.65 4.20 27.19
CA LYS A 78 13.27 4.64 27.39
C LYS A 78 12.41 4.35 26.16
N ARG A 79 12.96 4.56 24.98
CA ARG A 79 12.25 4.31 23.73
C ARG A 79 11.92 2.82 23.57
N GLN A 80 12.87 1.96 23.91
CA GLN A 80 12.66 0.51 23.87
C GLN A 80 11.58 0.07 24.86
N PHE A 81 11.65 0.56 26.09
CA PHE A 81 10.63 0.23 27.10
C PHE A 81 9.24 0.68 26.68
N LYS A 82 9.14 1.86 26.08
CA LYS A 82 7.85 2.38 25.61
C LYS A 82 7.24 1.46 24.54
N ALA A 83 8.08 0.98 23.62
CA ALA A 83 7.64 0.03 22.59
C ALA A 83 7.03 -1.24 23.19
N LEU A 84 7.63 -1.71 24.28
CA LEU A 84 7.17 -2.92 24.99
C LEU A 84 5.85 -2.76 25.74
N THR A 85 5.49 -1.53 26.07
CA THR A 85 4.23 -1.27 26.78
C THR A 85 3.03 -1.34 25.85
N LYS A 86 3.30 -1.19 24.55
CA LYS A 86 2.23 -1.13 23.56
C LYS A 86 1.79 -2.52 23.11
N LEU A 87 0.72 -3.01 23.75
CA LEU A 87 0.23 -4.37 23.56
C LEU A 87 -0.59 -4.59 22.30
N GLY A 88 -1.29 -3.56 21.86
CA GLY A 88 -2.26 -3.69 20.77
C GLY A 88 -3.36 -4.67 21.13
N TYR A 89 -3.67 -5.56 20.19
CA TYR A 89 -4.70 -6.59 20.39
C TYR A 89 -4.42 -7.52 21.57
N ALA A 90 -3.14 -7.72 21.88
CA ALA A 90 -2.71 -8.60 22.97
C ALA A 90 -3.18 -8.11 24.36
N ALA A 91 -3.71 -6.89 24.43
CA ALA A 91 -4.27 -6.36 25.67
C ALA A 91 -5.63 -6.99 26.00
N LEU A 92 -6.27 -7.59 25.00
CA LEU A 92 -7.58 -8.21 25.16
C LEU A 92 -7.53 -9.43 26.07
N PRO A 93 -8.62 -9.70 26.83
CA PRO A 93 -8.72 -10.96 27.58
C PRO A 93 -8.55 -12.16 26.65
N GLU A 94 -8.02 -13.25 27.20
CA GLU A 94 -7.73 -14.47 26.44
C GLU A 94 -8.83 -14.83 25.43
N ASP A 95 -10.06 -14.94 25.91
CA ASP A 95 -11.20 -15.32 25.07
C ASP A 95 -11.52 -14.31 23.98
N ASP A 96 -11.42 -13.03 24.30
CA ASP A 96 -11.67 -11.95 23.34
C ASP A 96 -10.62 -11.93 22.24
N TYR A 97 -9.37 -12.17 22.60
CA TYR A 97 -8.29 -12.23 21.64
C TYR A 97 -8.49 -13.40 20.66
N ALA A 98 -8.89 -14.54 21.20
CA ALA A 98 -9.14 -15.74 20.38
C ALA A 98 -10.28 -15.49 19.39
N GLU A 99 -11.35 -14.87 19.86
CA GLU A 99 -12.48 -14.52 19.01
C GLU A 99 -12.10 -13.53 17.91
N LEU A 100 -11.24 -12.55 18.24
CA LEU A 100 -10.77 -11.60 17.24
C LEU A 100 -9.96 -12.30 16.15
N LEU A 101 -9.04 -13.17 16.56
CA LEU A 101 -8.24 -13.96 15.61
C LEU A 101 -9.13 -14.80 14.68
N ASP A 102 -10.18 -15.40 15.24
CA ASP A 102 -11.13 -16.19 14.45
C ASP A 102 -11.90 -15.32 13.48
N THR A 103 -12.27 -14.11 13.92
CA THR A 103 -12.98 -13.15 13.08
C THR A 103 -12.10 -12.68 11.92
N LEU A 104 -10.84 -12.37 12.23
CA LEU A 104 -9.87 -11.92 11.23
C LEU A 104 -9.56 -12.95 10.16
N SER A 105 -9.37 -14.22 10.56
CA SER A 105 -9.12 -15.26 9.56
C SER A 105 -10.37 -15.59 8.75
N ALA A 106 -11.54 -15.45 9.36
CA ALA A 106 -12.80 -15.62 8.64
C ALA A 106 -12.93 -14.59 7.51
N MET A 107 -12.54 -13.35 7.79
CA MET A 107 -12.58 -12.30 6.76
C MET A 107 -11.52 -12.47 5.68
N GLU A 108 -10.28 -12.75 6.09
CA GLU A 108 -9.19 -12.89 5.10
C GLU A 108 -9.37 -14.12 4.20
N SER A 109 -9.80 -15.24 4.78
CA SER A 109 -10.03 -16.45 3.98
C SER A 109 -11.22 -16.32 3.05
N ASN A 110 -12.26 -15.62 3.50
CA ASN A 110 -13.39 -15.31 2.61
C ASN A 110 -12.92 -14.57 1.37
N PHE A 111 -12.12 -13.51 1.58
CA PHE A 111 -11.58 -12.72 0.49
C PHE A 111 -10.74 -13.58 -0.46
N ALA A 112 -9.87 -14.41 0.12
CA ALA A 112 -8.95 -15.24 -0.66
C ALA A 112 -9.66 -16.35 -1.42
N LYS A 113 -10.84 -16.75 -0.95
CA LYS A 113 -11.58 -17.86 -1.55
C LYS A 113 -12.68 -17.44 -2.52
N VAL A 114 -12.82 -16.13 -2.75
CA VAL A 114 -13.84 -15.63 -3.68
C VAL A 114 -13.67 -16.18 -5.09
N LYS A 115 -14.76 -16.73 -5.63
CA LYS A 115 -14.79 -17.23 -7.00
C LYS A 115 -16.10 -16.79 -7.62
N VAL A 116 -16.05 -16.36 -8.89
CA VAL A 116 -17.26 -15.94 -9.60
C VAL A 116 -17.45 -16.74 -10.88
N CYS A 117 -18.66 -16.68 -11.42
CA CYS A 117 -18.99 -17.36 -12.68
C CYS A 117 -18.67 -16.49 -13.88
N ASP A 118 -18.20 -17.13 -14.95
CA ASP A 118 -17.91 -16.48 -16.22
C ASP A 118 -19.15 -15.74 -16.74
N TYR A 119 -18.94 -14.49 -17.18
CA TYR A 119 -20.00 -13.66 -17.75
C TYR A 119 -20.72 -14.32 -18.92
N LYS A 120 -19.95 -15.06 -19.73
CA LYS A 120 -20.47 -15.71 -20.93
C LYS A 120 -20.77 -17.21 -20.73
N ASP A 121 -20.33 -17.75 -19.60
CA ASP A 121 -20.48 -19.18 -19.32
C ASP A 121 -20.85 -19.45 -17.86
N SER A 122 -22.14 -19.58 -17.59
CA SER A 122 -22.66 -19.71 -16.22
C SER A 122 -22.29 -21.04 -15.53
N THR A 123 -21.71 -21.96 -16.28
CA THR A 123 -21.26 -23.24 -15.72
C THR A 123 -19.80 -23.21 -15.28
N LYS A 124 -19.04 -22.24 -15.79
CA LYS A 124 -17.64 -22.06 -15.40
C LYS A 124 -17.56 -21.04 -14.27
N CYS A 125 -17.38 -21.53 -13.04
CA CYS A 125 -17.45 -20.68 -11.85
C CYS A 125 -16.20 -20.74 -10.96
N ASP A 126 -15.04 -20.77 -11.60
CA ASP A 126 -13.76 -20.85 -10.89
C ASP A 126 -12.87 -19.63 -11.13
N LEU A 127 -13.48 -18.52 -11.50
CA LEU A 127 -12.75 -17.29 -11.75
C LEU A 127 -12.42 -16.60 -10.42
N ALA A 128 -11.14 -16.46 -10.13
CA ALA A 128 -10.68 -15.76 -8.94
C ALA A 128 -10.29 -14.33 -9.31
N LEU A 129 -10.25 -13.45 -8.30
CA LEU A 129 -9.83 -12.06 -8.52
C LEU A 129 -8.47 -12.00 -9.21
N ASP A 130 -7.50 -12.71 -8.64
CA ASP A 130 -6.15 -12.78 -9.18
C ASP A 130 -5.94 -14.19 -9.76
N PRO A 131 -5.84 -14.32 -11.10
CA PRO A 131 -5.80 -13.25 -12.11
C PRO A 131 -7.08 -13.00 -12.93
N GLU A 132 -8.05 -13.91 -12.86
CA GLU A 132 -9.17 -13.92 -13.82
C GLU A 132 -10.04 -12.66 -13.84
N ILE A 133 -10.54 -12.25 -12.67
CA ILE A 133 -11.43 -11.09 -12.63
C ILE A 133 -10.67 -9.79 -12.92
N GLU A 134 -9.48 -9.64 -12.33
CA GLU A 134 -8.65 -8.46 -12.57
C GLU A 134 -8.27 -8.30 -14.03
N GLU A 135 -8.10 -9.41 -14.74
CA GLU A 135 -7.80 -9.38 -16.16
C GLU A 135 -8.96 -8.75 -16.95
N VAL A 136 -10.19 -9.13 -16.65
CA VAL A 136 -11.36 -8.53 -17.30
C VAL A 136 -11.46 -7.04 -16.98
N ILE A 137 -11.33 -6.68 -15.70
CA ILE A 137 -11.44 -5.28 -15.27
C ILE A 137 -10.40 -4.39 -15.96
N SER A 138 -9.19 -4.91 -16.10
CA SER A 138 -8.11 -4.15 -16.74
C SER A 138 -8.23 -4.10 -18.27
N LYS A 139 -8.85 -5.11 -18.87
CA LYS A 139 -8.84 -5.26 -20.34
C LYS A 139 -10.14 -4.97 -21.08
N SER A 140 -11.27 -5.39 -20.50
CA SER A 140 -12.57 -5.22 -21.16
C SER A 140 -12.99 -3.76 -21.25
N ARG A 141 -13.55 -3.40 -22.40
CA ARG A 141 -14.21 -2.10 -22.55
C ARG A 141 -15.71 -2.29 -22.84
N ASP A 142 -16.22 -3.45 -22.42
CA ASP A 142 -17.65 -3.75 -22.47
C ASP A 142 -18.22 -3.38 -21.10
N HIS A 143 -18.87 -2.22 -21.03
CA HIS A 143 -19.31 -1.66 -19.75
C HIS A 143 -20.29 -2.55 -18.98
N GLU A 144 -21.09 -3.35 -19.69
CA GLU A 144 -22.01 -4.26 -19.02
C GLU A 144 -21.29 -5.49 -18.46
N GLU A 145 -20.28 -5.96 -19.19
CA GLU A 145 -19.43 -7.05 -18.70
C GLU A 145 -18.68 -6.60 -17.44
N LEU A 146 -18.11 -5.39 -17.50
CA LEU A 146 -17.42 -4.78 -16.35
C LEU A 146 -18.33 -4.67 -15.12
N ALA A 147 -19.57 -4.22 -15.34
CA ALA A 147 -20.55 -4.06 -14.28
C ALA A 147 -20.93 -5.38 -13.65
N TYR A 148 -20.99 -6.43 -14.47
CA TYR A 148 -21.29 -7.78 -13.98
C TYR A 148 -20.23 -8.28 -13.01
N TYR A 149 -18.96 -8.14 -13.40
CA TYR A 149 -17.85 -8.62 -12.57
C TYR A 149 -17.70 -7.79 -11.30
N TRP A 150 -17.93 -6.49 -11.42
CA TRP A 150 -17.92 -5.59 -10.25
C TRP A 150 -18.93 -6.07 -9.21
N ARG A 151 -20.19 -6.24 -9.63
CA ARG A 151 -21.24 -6.66 -8.72
C ARG A 151 -20.96 -8.04 -8.10
N GLU A 152 -20.56 -9.00 -8.93
CA GLU A 152 -20.29 -10.36 -8.44
C GLU A 152 -19.19 -10.35 -7.38
N PHE A 153 -18.12 -9.60 -7.65
CA PHE A 153 -17.00 -9.55 -6.70
C PHE A 153 -17.36 -8.86 -5.38
N TYR A 154 -17.94 -7.66 -5.47
CA TYR A 154 -18.33 -6.90 -4.27
C TYR A 154 -19.35 -7.62 -3.40
N ASP A 155 -20.31 -8.31 -4.02
CA ASP A 155 -21.29 -9.11 -3.27
C ASP A 155 -20.61 -10.21 -2.47
N LYS A 156 -19.58 -10.83 -3.04
CA LYS A 156 -18.92 -12.00 -2.42
C LYS A 156 -17.76 -11.64 -1.50
N ALA A 157 -16.98 -10.62 -1.85
CA ALA A 157 -15.84 -10.21 -1.04
C ALA A 157 -16.23 -9.18 0.02
N GLY A 158 -17.32 -8.47 -0.25
CA GLY A 158 -17.77 -7.41 0.65
C GLY A 158 -18.94 -7.82 1.53
N THR A 159 -20.13 -7.87 0.93
CA THR A 159 -21.37 -8.08 1.69
C THR A 159 -21.33 -9.34 2.57
N ALA A 160 -20.70 -10.40 2.06
CA ALA A 160 -20.68 -11.71 2.73
C ALA A 160 -20.09 -11.69 4.14
N VAL A 161 -19.26 -10.69 4.45
CA VAL A 161 -18.58 -10.63 5.76
C VAL A 161 -19.01 -9.49 6.68
N ARG A 162 -20.20 -8.92 6.44
CA ARG A 162 -20.69 -7.80 7.24
C ARG A 162 -20.70 -8.10 8.75
N SER A 163 -21.29 -9.24 9.14
CA SER A 163 -21.39 -9.59 10.55
C SER A 163 -20.02 -9.76 11.20
N GLN A 164 -19.09 -10.40 10.49
CA GLN A 164 -17.71 -10.54 10.97
C GLN A 164 -17.04 -9.18 11.11
N PHE A 165 -17.22 -8.32 10.11
CA PHE A 165 -16.62 -6.98 10.15
C PHE A 165 -17.13 -6.18 11.35
N GLU A 166 -18.43 -6.28 11.62
CA GLU A 166 -19.05 -5.62 12.78
C GLU A 166 -18.43 -6.04 14.11
N ARG A 167 -18.20 -7.35 14.27
CA ARG A 167 -17.59 -7.88 15.48
C ARG A 167 -16.12 -7.47 15.58
N TYR A 168 -15.45 -7.41 14.43
CA TYR A 168 -14.08 -6.94 14.35
C TYR A 168 -13.93 -5.49 14.85
N VAL A 169 -14.83 -4.61 14.40
CA VAL A 169 -14.85 -3.21 14.85
C VAL A 169 -15.02 -3.12 16.37
N GLU A 170 -15.96 -3.90 16.91
CA GLU A 170 -16.20 -3.97 18.36
C GLU A 170 -14.96 -4.38 19.15
N LEU A 171 -14.28 -5.44 18.69
CA LEU A 171 -13.12 -5.95 19.40
C LEU A 171 -11.88 -5.07 19.20
N ASN A 172 -11.75 -4.51 18.00
CA ASN A 172 -10.71 -3.53 17.73
C ASN A 172 -10.84 -2.33 18.68
N THR A 173 -12.07 -1.87 18.87
CA THR A 173 -12.36 -0.75 19.77
C THR A 173 -12.05 -1.11 21.23
N LYS A 174 -12.48 -2.31 21.64
CA LYS A 174 -12.22 -2.80 22.99
C LYS A 174 -10.71 -2.88 23.27
N ALA A 175 -9.95 -3.33 22.28
CA ALA A 175 -8.49 -3.43 22.41
C ALA A 175 -7.83 -2.06 22.54
N ALA A 176 -8.26 -1.12 21.71
CA ALA A 176 -7.73 0.25 21.74
C ALA A 176 -7.93 0.90 23.10
N LYS A 177 -9.13 0.75 23.66
CA LYS A 177 -9.47 1.32 24.97
C LYS A 177 -8.71 0.66 26.12
N LEU A 178 -8.41 -0.63 25.99
CA LEU A 178 -7.58 -1.33 26.97
C LEU A 178 -6.12 -0.84 26.94
N ASN A 179 -5.72 -0.25 25.82
CA ASN A 179 -4.43 0.41 25.70
C ASN A 179 -4.54 1.91 25.97
N ASN A 180 -5.74 2.35 26.37
CA ASN A 180 -6.05 3.74 26.71
C ASN A 180 -5.99 4.74 25.54
N PHE A 181 -6.15 4.23 24.33
CA PHE A 181 -6.46 5.06 23.17
C PHE A 181 -7.97 5.20 23.10
N THR A 182 -8.46 6.29 22.51
CA THR A 182 -9.90 6.52 22.37
C THR A 182 -10.52 5.44 21.48
N SER A 183 -9.84 5.11 20.38
CA SER A 183 -10.32 4.10 19.44
C SER A 183 -9.16 3.53 18.64
N GLY A 184 -9.47 2.62 17.71
CA GLY A 184 -8.45 2.05 16.83
C GLY A 184 -7.81 3.06 15.89
N ALA A 185 -8.51 4.17 15.64
CA ALA A 185 -7.96 5.27 14.85
C ALA A 185 -6.71 5.83 15.53
N GLU A 186 -6.84 6.14 16.82
CA GLU A 186 -5.73 6.69 17.61
C GLU A 186 -4.61 5.66 17.77
N ALA A 187 -4.99 4.38 17.93
CA ALA A 187 -4.02 3.30 18.00
C ALA A 187 -3.18 3.21 16.72
N TRP A 188 -3.82 3.32 15.56
CA TRP A 188 -3.08 3.33 14.29
C TRP A 188 -2.21 4.59 14.16
N LEU A 189 -2.79 5.75 14.49
CA LEU A 189 -2.09 7.04 14.33
C LEU A 189 -0.88 7.18 15.23
N ASP A 190 -0.87 6.42 16.32
CA ASP A 190 0.25 6.39 17.27
C ASP A 190 1.58 6.00 16.61
N GLU A 191 1.49 5.18 15.56
CA GLU A 191 2.67 4.74 14.82
C GLU A 191 3.44 5.88 14.15
N TYR A 192 2.80 7.03 14.00
CA TYR A 192 3.44 8.19 13.36
C TYR A 192 4.04 9.20 14.34
N GLU A 193 3.89 8.94 15.65
CA GLU A 193 4.54 9.73 16.71
C GLU A 193 4.45 11.23 16.48
N ASP A 194 3.24 11.72 16.18
CA ASP A 194 3.04 13.13 15.88
C ASP A 194 1.57 13.47 16.10
N ASP A 195 1.31 14.31 17.12
CA ASP A 195 -0.06 14.62 17.51
C ASP A 195 -0.81 15.58 16.56
N THR A 196 -0.13 16.04 15.51
CA THR A 196 -0.75 16.85 14.47
C THR A 196 -0.75 16.15 13.11
N PHE A 197 -0.56 14.83 13.11
CA PHE A 197 -0.35 14.09 11.86
C PHE A 197 -1.53 14.18 10.90
N GLU A 198 -2.74 14.02 11.42
CA GLU A 198 -3.96 14.12 10.60
C GLU A 198 -4.08 15.49 9.93
N GLN A 199 -3.88 16.55 10.72
CA GLN A 199 -3.95 17.90 10.17
C GLN A 199 -2.91 18.14 9.08
N GLN A 200 -1.69 17.62 9.28
CA GLN A 200 -0.62 17.73 8.31
C GLN A 200 -1.02 17.11 6.96
N LEU A 201 -1.65 15.96 7.01
CA LEU A 201 -2.11 15.25 5.81
C LEU A 201 -3.28 15.97 5.13
N GLU A 202 -4.19 16.53 5.94
CA GLU A 202 -5.28 17.36 5.39
C GLU A 202 -4.70 18.55 4.63
N ASP A 203 -3.70 19.20 5.21
CA ASP A 203 -3.04 20.35 4.57
C ASP A 203 -2.35 19.98 3.25
N ILE A 204 -1.61 18.88 3.25
CA ILE A 204 -0.94 18.42 2.03
C ILE A 204 -1.96 17.97 0.99
N PHE A 205 -2.96 17.20 1.42
CA PHE A 205 -4.01 16.76 0.51
C PHE A 205 -4.74 17.94 -0.14
N ALA A 206 -5.05 18.97 0.65
CA ALA A 206 -5.73 20.16 0.12
C ALA A 206 -4.93 20.87 -0.98
N ASP A 207 -3.61 20.88 -0.85
CA ASP A 207 -2.71 21.47 -1.85
C ASP A 207 -2.70 20.72 -3.18
N ILE A 208 -2.83 19.39 -3.11
CA ILE A 208 -2.74 18.54 -4.31
C ILE A 208 -4.13 18.29 -4.92
N ARG A 209 -5.17 18.46 -4.11
CA ARG A 209 -6.55 18.19 -4.53
C ARG A 209 -6.96 18.87 -5.85
N PRO A 210 -6.61 20.16 -6.06
CA PRO A 210 -6.98 20.80 -7.34
C PRO A 210 -6.41 20.11 -8.58
N LEU A 211 -5.19 19.59 -8.49
CA LEU A 211 -4.62 18.82 -9.59
C LEU A 211 -5.41 17.54 -9.86
N TYR A 212 -5.84 16.87 -8.79
CA TYR A 212 -6.67 15.67 -8.94
C TYR A 212 -7.98 15.98 -9.65
N GLN A 213 -8.60 17.10 -9.29
CA GLN A 213 -9.86 17.54 -9.91
C GLN A 213 -9.70 17.74 -11.42
N GLN A 214 -8.55 18.25 -11.84
CA GLN A 214 -8.25 18.48 -13.26
C GLN A 214 -8.10 17.16 -14.00
N ILE A 215 -7.41 16.21 -13.37
CA ILE A 215 -7.21 14.87 -13.93
C ILE A 215 -8.55 14.16 -14.05
N HIS A 216 -9.32 14.19 -12.96
CA HIS A 216 -10.67 13.62 -12.91
C HIS A 216 -11.52 14.17 -14.07
N GLY A 217 -11.57 15.49 -14.20
CA GLY A 217 -12.34 16.16 -15.25
C GLY A 217 -11.96 15.72 -16.65
N TYR A 218 -10.65 15.67 -16.92
CA TYR A 218 -10.15 15.28 -18.24
C TYR A 218 -10.45 13.82 -18.57
N VAL A 219 -10.25 12.93 -17.59
CA VAL A 219 -10.54 11.50 -17.77
C VAL A 219 -12.03 11.26 -18.08
N ARG A 220 -12.90 11.92 -17.33
CA ARG A 220 -14.36 11.85 -17.55
C ARG A 220 -14.74 12.30 -18.96
N PHE A 221 -14.14 13.42 -19.38
CA PHE A 221 -14.31 13.94 -20.73
C PHE A 221 -13.92 12.90 -21.79
N ARG A 222 -12.75 12.31 -21.62
CA ARG A 222 -12.25 11.29 -22.55
C ARG A 222 -13.07 10.00 -22.51
N LEU A 223 -13.59 9.63 -21.34
CA LEU A 223 -14.46 8.46 -21.22
C LEU A 223 -15.82 8.66 -21.90
N ARG A 224 -16.32 9.89 -21.89
CA ARG A 224 -17.57 10.24 -22.59
C ARG A 224 -17.43 10.02 -24.11
N LYS A 225 -16.26 10.36 -24.65
CA LYS A 225 -15.98 10.18 -26.08
C LYS A 225 -15.90 8.70 -26.44
N HIS A 226 -15.46 7.88 -25.49
CA HIS A 226 -15.33 6.44 -25.71
C HIS A 226 -16.65 5.69 -25.53
N TYR A 227 -17.29 5.89 -24.39
CA TYR A 227 -18.50 5.13 -24.04
C TYR A 227 -19.81 5.83 -24.42
N GLY A 228 -19.75 7.15 -24.63
CA GLY A 228 -20.96 7.93 -24.90
C GLY A 228 -21.61 8.42 -23.63
N ASP A 229 -22.50 9.39 -23.77
CA ASP A 229 -23.12 10.06 -22.61
C ASP A 229 -24.19 9.24 -21.88
N ALA A 230 -24.64 8.14 -22.47
CA ALA A 230 -25.56 7.23 -21.77
C ALA A 230 -24.83 6.49 -20.64
N VAL A 231 -23.53 6.28 -20.81
CA VAL A 231 -22.71 5.56 -19.81
C VAL A 231 -22.01 6.52 -18.85
N VAL A 232 -21.54 7.65 -19.37
CA VAL A 232 -20.78 8.63 -18.57
C VAL A 232 -21.38 10.01 -18.75
N SER A 233 -21.82 10.61 -17.65
CA SER A 233 -22.34 11.97 -17.69
C SER A 233 -21.23 12.99 -17.50
N GLU A 234 -21.47 14.21 -17.98
CA GLU A 234 -20.50 15.30 -17.87
C GLU A 234 -20.36 15.80 -16.43
N THR A 235 -21.47 15.76 -15.68
CA THR A 235 -21.53 16.44 -14.39
C THR A 235 -21.53 15.52 -13.18
N GLY A 236 -21.74 14.23 -13.39
CA GLY A 236 -21.82 13.28 -12.29
C GLY A 236 -20.49 12.61 -11.95
N PRO A 237 -20.43 11.86 -10.84
CA PRO A 237 -19.27 11.04 -10.52
C PRO A 237 -19.03 10.02 -11.63
N ILE A 238 -17.76 9.64 -11.84
CA ILE A 238 -17.40 8.65 -12.86
C ILE A 238 -17.82 7.25 -12.38
N PRO A 239 -18.52 6.47 -13.25
CA PRO A 239 -18.79 5.07 -12.92
C PRO A 239 -17.49 4.30 -12.81
N MET A 240 -17.22 3.78 -11.61
CA MET A 240 -15.90 3.28 -11.22
C MET A 240 -15.41 2.05 -11.98
N HIS A 241 -16.34 1.29 -12.55
CA HIS A 241 -16.00 0.06 -13.26
C HIS A 241 -15.34 0.31 -14.62
N LEU A 242 -15.30 1.58 -15.04
CA LEU A 242 -14.72 1.98 -16.31
C LEU A 242 -13.27 2.44 -16.16
N LEU A 243 -12.75 2.37 -14.94
CA LEU A 243 -11.44 2.95 -14.63
C LEU A 243 -10.28 1.95 -14.60
N GLY A 244 -10.57 0.71 -15.00
CA GLY A 244 -9.52 -0.31 -15.19
C GLY A 244 -9.00 -0.96 -13.92
N ASN A 245 -9.65 -0.68 -12.79
CA ASN A 245 -9.25 -1.20 -11.49
C ASN A 245 -10.49 -1.47 -10.64
N MET A 246 -10.50 -2.61 -9.95
CA MET A 246 -11.67 -3.04 -9.17
C MET A 246 -12.10 -2.02 -8.11
N TRP A 247 -11.15 -1.24 -7.60
CA TRP A 247 -11.40 -0.28 -6.53
C TRP A 247 -11.17 1.16 -7.00
N ALA A 248 -10.93 1.31 -8.30
CA ALA A 248 -10.64 2.59 -8.94
C ALA A 248 -9.49 3.36 -8.27
N GLN A 249 -8.52 2.62 -7.72
CA GLN A 249 -7.43 3.23 -6.97
C GLN A 249 -6.28 3.71 -7.88
N GLN A 250 -6.25 3.16 -9.09
CA GLN A 250 -5.22 3.43 -10.09
C GLN A 250 -5.90 3.35 -11.46
N TRP A 251 -5.72 4.35 -12.31
CA TRP A 251 -6.42 4.36 -13.60
C TRP A 251 -5.52 4.07 -14.81
N SER A 252 -4.30 3.61 -14.55
CA SER A 252 -3.31 3.45 -15.61
C SER A 252 -3.71 2.45 -16.72
N GLU A 253 -4.56 1.48 -16.38
CA GLU A 253 -5.02 0.48 -17.36
C GLU A 253 -5.88 1.07 -18.50
N ILE A 254 -6.43 2.26 -18.31
CA ILE A 254 -7.22 2.92 -19.36
C ILE A 254 -6.47 4.06 -20.04
N ALA A 255 -5.15 4.11 -19.83
CA ALA A 255 -4.31 5.15 -20.43
C ALA A 255 -4.42 5.18 -21.96
N ASP A 256 -4.58 4.03 -22.59
CA ASP A 256 -4.69 3.95 -24.05
C ASP A 256 -5.92 4.68 -24.60
N ILE A 257 -6.94 4.87 -23.77
CA ILE A 257 -8.15 5.58 -24.22
C ILE A 257 -8.27 7.02 -23.69
N VAL A 258 -7.43 7.39 -22.72
CA VAL A 258 -7.48 8.74 -22.13
C VAL A 258 -6.18 9.57 -22.25
N SER A 259 -5.18 9.03 -22.95
CA SER A 259 -3.88 9.70 -23.08
C SER A 259 -3.97 11.03 -23.84
N PRO A 260 -3.30 12.07 -23.32
CA PRO A 260 -3.30 13.41 -23.94
C PRO A 260 -3.02 13.40 -25.44
N PHE A 261 -2.02 12.63 -25.87
CA PHE A 261 -1.62 12.58 -27.27
C PHE A 261 -1.59 11.16 -27.81
N PRO A 262 -2.74 10.66 -28.29
CA PRO A 262 -2.91 9.27 -28.74
C PRO A 262 -2.04 8.88 -29.95
N GLU A 263 -1.57 9.86 -30.71
CA GLU A 263 -0.71 9.58 -31.87
C GLU A 263 0.78 9.56 -31.49
N LYS A 264 1.07 9.90 -30.24
CA LYS A 264 2.44 9.87 -29.73
C LYS A 264 2.59 8.68 -28.77
N PRO A 265 3.86 8.24 -28.53
CA PRO A 265 4.08 7.02 -27.75
C PRO A 265 3.56 7.06 -26.32
N LEU A 266 3.00 5.94 -25.90
CA LEU A 266 2.55 5.74 -24.54
C LEU A 266 3.25 4.48 -24.03
N VAL A 267 4.01 4.60 -22.95
CA VAL A 267 4.84 3.49 -22.46
C VAL A 267 3.97 2.38 -21.88
N ASP A 268 4.05 1.21 -22.51
CA ASP A 268 3.36 0.00 -22.06
C ASP A 268 4.22 -1.20 -22.46
N VAL A 269 5.07 -1.65 -21.54
CA VAL A 269 6.13 -2.61 -21.87
C VAL A 269 5.76 -4.09 -21.68
N SER A 270 4.50 -4.36 -21.34
CA SER A 270 4.04 -5.73 -21.07
C SER A 270 4.27 -6.68 -22.25
N ALA A 271 3.94 -6.21 -23.45
CA ALA A 271 4.10 -7.00 -24.67
C ALA A 271 5.57 -7.34 -24.97
N GLU A 272 6.46 -6.38 -24.76
CA GLU A 272 7.89 -6.59 -24.96
C GLU A 272 8.50 -7.54 -23.93
N MET A 273 7.99 -7.48 -22.69
CA MET A 273 8.39 -8.42 -21.64
C MET A 273 8.07 -9.85 -22.07
N GLU A 274 6.84 -10.07 -22.53
CA GLU A 274 6.41 -11.37 -23.03
C GLU A 274 7.23 -11.82 -24.26
N LYS A 275 7.48 -10.88 -25.17
CA LYS A 275 8.28 -11.14 -26.37
C LYS A 275 9.72 -11.54 -26.05
N GLN A 276 10.31 -10.92 -25.03
CA GLN A 276 11.67 -11.23 -24.59
C GLN A 276 11.74 -12.46 -23.67
N GLY A 277 10.59 -13.08 -23.41
CA GLY A 277 10.52 -14.29 -22.59
C GLY A 277 10.75 -14.10 -21.11
N TYR A 278 10.38 -12.92 -20.60
CA TYR A 278 10.46 -12.63 -19.16
C TYR A 278 9.69 -13.66 -18.33
N THR A 279 10.24 -14.00 -17.18
CA THR A 279 9.59 -14.86 -16.21
C THR A 279 9.56 -14.11 -14.86
N PRO A 280 8.73 -14.58 -13.91
CA PRO A 280 8.78 -14.04 -12.54
C PRO A 280 10.19 -14.09 -11.95
N LEU A 281 10.91 -15.20 -12.16
CA LEU A 281 12.29 -15.32 -11.70
C LEU A 281 13.17 -14.20 -12.23
N LYS A 282 13.11 -13.96 -13.54
CA LYS A 282 13.87 -12.87 -14.17
C LYS A 282 13.52 -11.50 -13.60
N MET A 283 12.23 -11.26 -13.38
CA MET A 283 11.75 -9.99 -12.81
C MET A 283 12.32 -9.74 -11.41
N PHE A 284 12.35 -10.78 -10.58
CA PHE A 284 12.92 -10.69 -9.24
C PHE A 284 14.44 -10.52 -9.27
N GLN A 285 15.09 -11.23 -10.19
CA GLN A 285 16.54 -11.08 -10.40
C GLN A 285 16.91 -9.68 -10.86
N MET A 286 16.04 -9.09 -11.69
CA MET A 286 16.23 -7.71 -12.17
C MET A 286 16.06 -6.71 -11.03
N GLY A 287 15.10 -6.99 -10.14
CA GLY A 287 14.91 -6.18 -8.94
C GLY A 287 16.14 -6.23 -8.06
N ASP A 288 16.64 -7.44 -7.80
CA ASP A 288 17.86 -7.66 -7.03
C ASP A 288 19.02 -6.86 -7.61
N ASP A 289 19.18 -6.94 -8.93
CA ASP A 289 20.17 -6.19 -9.69
C ASP A 289 20.09 -4.68 -9.48
N PHE A 290 18.86 -4.15 -9.44
CA PHE A 290 18.68 -2.71 -9.20
C PHE A 290 19.22 -2.30 -7.83
N PHE A 291 18.84 -3.04 -6.79
CA PHE A 291 19.28 -2.74 -5.43
C PHE A 291 20.80 -2.83 -5.30
N THR A 292 21.39 -3.92 -5.80
CA THR A 292 22.84 -4.12 -5.70
C THR A 292 23.64 -3.11 -6.53
N SER A 293 23.03 -2.62 -7.62
CA SER A 293 23.65 -1.59 -8.46
C SER A 293 23.81 -0.27 -7.70
N MET A 294 22.97 -0.09 -6.69
CA MET A 294 23.03 1.10 -5.84
C MET A 294 23.90 0.87 -4.60
N ASN A 295 24.66 -0.22 -4.62
CA ASN A 295 25.52 -0.62 -3.50
C ASN A 295 24.70 -1.01 -2.24
N LEU A 296 23.47 -1.47 -2.48
CA LEU A 296 22.63 -1.98 -1.41
C LEU A 296 22.71 -3.50 -1.36
N THR A 297 22.00 -4.12 -0.42
CA THR A 297 22.19 -5.54 -0.07
C THR A 297 21.54 -6.54 -1.03
N LYS A 298 22.34 -7.52 -1.44
CA LYS A 298 21.92 -8.62 -2.30
C LYS A 298 20.94 -9.54 -1.57
N LEU A 299 19.97 -10.08 -2.30
CA LEU A 299 19.03 -11.03 -1.73
C LEU A 299 19.76 -12.30 -1.29
N PRO A 300 19.52 -12.75 -0.05
CA PRO A 300 20.19 -13.94 0.47
C PRO A 300 19.61 -15.22 -0.12
N GLN A 301 20.32 -16.33 0.07
CA GLN A 301 19.92 -17.62 -0.50
C GLN A 301 18.57 -18.08 0.02
N ASP A 302 18.28 -17.80 1.30
CA ASP A 302 16.98 -18.13 1.89
C ASP A 302 15.81 -17.52 1.11
N PHE A 303 15.99 -16.30 0.62
CA PHE A 303 14.97 -15.64 -0.20
C PHE A 303 14.62 -16.51 -1.42
N TRP A 304 15.64 -16.90 -2.17
CA TRP A 304 15.43 -17.68 -3.40
C TRP A 304 14.88 -19.07 -3.11
N ASP A 305 15.37 -19.70 -2.04
CA ASP A 305 14.94 -21.05 -1.67
C ASP A 305 13.51 -21.13 -1.17
N LYS A 306 13.05 -20.09 -0.49
CA LYS A 306 11.81 -20.16 0.30
C LYS A 306 10.64 -19.33 -0.23
N SER A 307 10.94 -18.31 -1.04
CA SER A 307 9.90 -17.44 -1.59
C SER A 307 8.98 -18.19 -2.55
N ILE A 308 7.74 -17.71 -2.64
CA ILE A 308 6.78 -18.17 -3.65
C ILE A 308 6.56 -17.02 -4.62
N ILE A 309 6.98 -17.20 -5.87
CA ILE A 309 6.93 -16.11 -6.84
C ILE A 309 6.02 -16.39 -8.02
N GLU A 310 5.33 -17.53 -7.99
CA GLU A 310 4.32 -17.87 -8.98
C GLU A 310 3.13 -18.51 -8.29
N LYS A 311 1.93 -18.28 -8.83
CA LYS A 311 0.73 -18.90 -8.31
C LYS A 311 0.85 -20.42 -8.46
N PRO A 312 0.66 -21.17 -7.36
CA PRO A 312 0.67 -22.64 -7.39
C PRO A 312 -0.34 -23.21 -8.38
N THR A 313 0.01 -24.32 -9.01
CA THR A 313 -0.84 -24.92 -10.05
C THR A 313 -1.68 -26.10 -9.56
N ASP A 314 -1.54 -26.45 -8.28
CA ASP A 314 -2.43 -27.44 -7.65
C ASP A 314 -3.78 -26.78 -7.29
N GLY A 315 -4.67 -27.54 -6.68
CA GLY A 315 -6.02 -27.03 -6.39
C GLY A 315 -6.15 -26.11 -5.18
N ARG A 316 -5.04 -25.82 -4.51
CA ARG A 316 -5.07 -25.22 -3.17
C ARG A 316 -5.53 -23.76 -3.13
N ASP A 317 -6.16 -23.41 -2.01
CA ASP A 317 -6.49 -22.03 -1.71
C ASP A 317 -5.29 -21.36 -1.07
N LEU A 318 -5.07 -20.09 -1.41
CA LEU A 318 -4.00 -19.29 -0.82
C LEU A 318 -4.32 -17.81 -0.90
N VAL A 319 -3.54 -17.00 -0.19
CA VAL A 319 -3.61 -15.54 -0.35
C VAL A 319 -2.65 -15.14 -1.46
N CYS A 320 -3.20 -14.74 -2.61
CA CYS A 320 -2.38 -14.29 -3.74
C CYS A 320 -1.97 -12.82 -3.63
N HIS A 321 -2.69 -12.05 -2.84
CA HIS A 321 -2.31 -10.65 -2.62
C HIS A 321 -0.87 -10.58 -2.14
N ALA A 322 -0.01 -9.91 -2.92
CA ALA A 322 1.44 -9.91 -2.71
C ALA A 322 1.87 -9.34 -1.35
N SER A 323 2.92 -9.93 -0.78
CA SER A 323 3.44 -9.49 0.52
C SER A 323 4.90 -9.90 0.72
N ALA A 324 5.59 -9.15 1.58
CA ALA A 324 6.98 -9.43 1.95
C ALA A 324 7.04 -9.77 3.43
N TRP A 325 7.94 -10.69 3.78
CA TRP A 325 7.94 -11.33 5.09
C TRP A 325 9.32 -11.29 5.74
N ASP A 326 9.35 -10.83 6.99
CA ASP A 326 10.55 -10.83 7.81
C ASP A 326 10.39 -11.91 8.88
N PHE A 327 11.35 -12.84 8.95
CA PHE A 327 11.24 -13.95 9.90
C PHE A 327 12.06 -13.76 11.18
N TYR A 328 12.71 -12.61 11.27
CA TYR A 328 13.34 -12.11 12.51
C TYR A 328 14.57 -12.88 12.98
N LEU A 329 15.21 -13.58 12.06
CA LEU A 329 16.49 -14.22 12.36
C LEU A 329 17.59 -13.45 11.63
N THR A 330 18.44 -14.16 10.90
CA THR A 330 19.42 -13.51 10.02
C THR A 330 19.16 -14.01 8.60
N ASP A 331 18.85 -13.07 7.69
CA ASP A 331 18.73 -13.36 6.25
C ASP A 331 17.56 -14.24 5.84
N ASP A 332 16.65 -14.53 6.77
CA ASP A 332 15.45 -15.28 6.42
C ASP A 332 14.33 -14.28 6.12
N VAL A 333 14.27 -13.90 4.85
CA VAL A 333 13.27 -12.97 4.35
C VAL A 333 12.65 -13.59 3.09
N ARG A 334 11.35 -13.34 2.87
CA ARG A 334 10.61 -14.00 1.80
C ARG A 334 9.55 -13.10 1.18
N ILE A 335 9.22 -13.38 -0.08
CA ILE A 335 8.07 -12.79 -0.75
C ILE A 335 7.13 -13.90 -1.21
N LYS A 336 5.83 -13.64 -1.09
CA LYS A 336 4.80 -14.46 -1.71
C LYS A 336 4.03 -13.58 -2.69
N GLN A 337 4.22 -13.83 -3.98
CA GLN A 337 3.58 -13.03 -5.02
C GLN A 337 3.15 -13.95 -6.16
N CYS A 338 1.89 -13.84 -6.56
CA CYS A 338 1.38 -14.58 -7.73
C CYS A 338 1.73 -13.77 -8.98
N THR A 339 3.02 -13.78 -9.31
CA THR A 339 3.60 -12.86 -10.27
C THR A 339 3.13 -13.10 -11.70
N ARG A 340 2.79 -12.01 -12.38
CA ARG A 340 2.45 -12.05 -13.79
C ARG A 340 3.44 -11.17 -14.54
N VAL A 341 3.57 -11.42 -15.85
CA VAL A 341 4.54 -10.69 -16.67
C VAL A 341 3.90 -9.43 -17.26
N THR A 342 3.80 -8.39 -16.43
CA THR A 342 3.26 -7.09 -16.87
C THR A 342 4.13 -5.96 -16.35
N GLN A 343 3.97 -4.78 -16.95
CA GLN A 343 4.67 -3.57 -16.51
C GLN A 343 4.36 -3.25 -15.04
N ASP A 344 3.07 -3.25 -14.69
CA ASP A 344 2.66 -2.94 -13.31
C ASP A 344 3.17 -3.99 -12.33
N GLN A 345 3.24 -5.25 -12.76
CA GLN A 345 3.81 -6.30 -11.93
C GLN A 345 5.31 -6.13 -11.70
N LEU A 346 6.02 -5.59 -12.69
CA LEU A 346 7.43 -5.26 -12.53
C LEU A 346 7.61 -4.21 -11.43
N PHE A 347 6.68 -3.26 -11.37
CA PHE A 347 6.67 -2.26 -10.30
C PHE A 347 6.33 -2.89 -8.95
N THR A 348 5.33 -3.77 -8.93
CA THR A 348 4.95 -4.50 -7.72
C THR A 348 6.12 -5.33 -7.17
N VAL A 349 6.88 -5.97 -8.06
CA VAL A 349 8.08 -6.71 -7.65
C VAL A 349 9.08 -5.80 -6.91
N HIS A 350 9.31 -4.62 -7.47
CA HIS A 350 10.22 -3.66 -6.85
C HIS A 350 9.68 -3.11 -5.52
N HIS A 351 8.37 -2.88 -5.46
CA HIS A 351 7.73 -2.47 -4.20
C HIS A 351 7.99 -3.49 -3.10
N GLU A 352 7.71 -4.75 -3.39
CA GLU A 352 7.89 -5.84 -2.43
C GLU A 352 9.36 -6.03 -2.05
N LEU A 353 10.26 -5.88 -3.02
CA LEU A 353 11.70 -6.00 -2.75
C LEU A 353 12.21 -4.82 -1.92
N GLY A 354 11.47 -3.71 -1.95
CA GLY A 354 11.76 -2.56 -1.09
C GLY A 354 11.55 -2.88 0.38
N HIS A 355 10.51 -3.66 0.68
CA HIS A 355 10.27 -4.16 2.04
C HIS A 355 11.42 -5.06 2.46
N ILE A 356 11.82 -5.97 1.57
CA ILE A 356 12.89 -6.93 1.84
C ILE A 356 14.21 -6.24 2.16
N GLN A 357 14.53 -5.21 1.38
CA GLN A 357 15.75 -4.43 1.59
C GLN A 357 15.74 -3.77 2.97
N TYR A 358 14.60 -3.23 3.37
CA TYR A 358 14.43 -2.60 4.68
C TYR A 358 14.69 -3.65 5.78
N PHE A 359 14.11 -4.84 5.65
CA PHE A 359 14.32 -5.95 6.59
C PHE A 359 15.81 -6.23 6.77
N LEU A 360 16.52 -6.35 5.64
CA LEU A 360 17.95 -6.67 5.65
C LEU A 360 18.78 -5.53 6.23
N GLN A 361 18.40 -4.29 5.94
CA GLN A 361 19.12 -3.11 6.41
C GLN A 361 19.08 -2.93 7.93
N TYR A 362 17.96 -3.31 8.56
CA TYR A 362 17.82 -3.13 10.01
C TYR A 362 17.84 -4.42 10.85
N GLN A 363 18.23 -5.56 10.26
CA GLN A 363 18.17 -6.83 10.98
C GLN A 363 19.17 -6.96 12.14
N HIS A 364 20.12 -6.03 12.21
CA HIS A 364 21.12 -5.99 13.29
C HIS A 364 20.58 -5.20 14.49
N GLN A 365 19.50 -4.45 14.29
CA GLN A 365 18.86 -3.69 15.37
C GLN A 365 18.19 -4.62 16.39
N PRO A 366 18.05 -4.15 17.65
CA PRO A 366 17.23 -4.94 18.59
C PRO A 366 15.81 -5.08 18.05
N PHE A 367 15.16 -6.19 18.41
CA PHE A 367 13.87 -6.58 17.85
C PHE A 367 12.84 -5.44 17.74
N VAL A 368 12.68 -4.66 18.80
CA VAL A 368 11.66 -3.60 18.82
C VAL A 368 11.90 -2.51 17.77
N TYR A 369 13.15 -2.41 17.31
CA TYR A 369 13.52 -1.43 16.29
C TYR A 369 13.52 -2.02 14.88
N ARG A 370 13.18 -3.30 14.76
CA ARG A 370 13.17 -3.99 13.47
C ARG A 370 11.83 -3.78 12.76
N THR A 371 11.57 -2.53 12.40
CA THR A 371 10.38 -2.11 11.67
C THR A 371 10.67 -0.73 11.07
N GLY A 372 9.76 -0.21 10.26
CA GLY A 372 9.97 1.08 9.59
C GLY A 372 10.01 2.25 10.56
N ALA A 373 10.65 3.34 10.15
CA ALA A 373 10.68 4.57 10.95
C ALA A 373 9.25 5.03 11.24
N ASN A 374 8.40 4.94 10.22
CA ASN A 374 6.94 4.86 10.38
C ASN A 374 6.37 3.99 9.25
N PRO A 375 5.09 3.57 9.32
CA PRO A 375 4.61 2.63 8.31
C PRO A 375 4.74 3.12 6.86
N GLY A 376 4.67 4.44 6.66
CA GLY A 376 4.84 5.04 5.33
C GLY A 376 6.24 4.90 4.77
N PHE A 377 7.25 4.89 5.64
CA PHE A 377 8.63 4.70 5.21
C PHE A 377 8.80 3.33 4.56
N HIS A 378 8.21 2.30 5.16
CA HIS A 378 8.33 0.94 4.65
C HIS A 378 7.73 0.81 3.25
N GLU A 379 6.60 1.49 3.03
CA GLU A 379 5.89 1.43 1.76
C GLU A 379 6.58 2.23 0.65
N ALA A 380 7.35 3.24 1.05
CA ALA A 380 7.99 4.15 0.10
C ALA A 380 9.21 3.58 -0.62
N VAL A 381 9.99 2.74 0.08
CA VAL A 381 11.30 2.30 -0.41
C VAL A 381 11.27 1.78 -1.85
N GLY A 382 10.50 0.73 -2.08
CA GLY A 382 10.40 0.09 -3.39
C GLY A 382 9.80 0.97 -4.47
N ASP A 383 8.88 1.86 -4.07
CA ASP A 383 8.24 2.80 -5.00
C ASP A 383 9.21 3.84 -5.56
N VAL A 384 10.22 4.20 -4.76
CA VAL A 384 11.27 5.11 -5.22
C VAL A 384 12.04 4.49 -6.39
N LEU A 385 12.34 3.20 -6.31
CA LEU A 385 13.01 2.51 -7.41
C LEU A 385 12.09 2.34 -8.61
N SER A 386 10.82 1.99 -8.35
CA SER A 386 9.81 1.85 -9.40
C SER A 386 9.61 3.14 -10.20
N LEU A 387 9.74 4.29 -9.53
CA LEU A 387 9.68 5.57 -10.23
C LEU A 387 10.76 5.71 -11.30
N SER A 388 11.99 5.29 -10.99
CA SER A 388 13.06 5.34 -11.97
C SER A 388 12.95 4.20 -12.99
N VAL A 389 12.51 3.01 -12.55
CA VAL A 389 12.28 1.89 -13.46
C VAL A 389 11.25 2.25 -14.54
N SER A 390 10.28 3.08 -14.16
CA SER A 390 9.18 3.48 -15.06
C SER A 390 9.58 4.51 -16.10
N THR A 391 10.72 5.17 -15.93
CA THR A 391 11.16 6.22 -16.84
C THR A 391 11.52 5.63 -18.21
N PRO A 392 11.26 6.41 -19.28
CA PRO A 392 11.77 6.03 -20.60
C PRO A 392 13.29 5.81 -20.57
N LYS A 393 14.00 6.63 -19.79
CA LYS A 393 15.46 6.49 -19.65
C LYS A 393 15.85 5.05 -19.27
N HIS A 394 15.26 4.53 -18.19
CA HIS A 394 15.59 3.18 -17.74
C HIS A 394 15.08 2.08 -18.66
N LEU A 395 13.84 2.22 -19.14
CA LEU A 395 13.21 1.18 -19.95
C LEU A 395 13.89 0.98 -21.31
N GLU A 396 14.50 2.05 -21.83
CA GLU A 396 15.35 1.96 -23.02
C GLU A 396 16.65 1.18 -22.74
N LYS A 397 17.25 1.43 -21.57
CA LYS A 397 18.49 0.74 -21.15
C LYS A 397 18.32 -0.78 -21.10
N ILE A 398 17.14 -1.23 -20.67
CA ILE A 398 16.88 -2.66 -20.53
C ILE A 398 16.14 -3.24 -21.75
N GLY A 399 16.03 -2.43 -22.81
CA GLY A 399 15.49 -2.89 -24.08
C GLY A 399 14.00 -3.18 -24.12
N LEU A 400 13.26 -2.67 -23.14
CA LEU A 400 11.82 -2.90 -23.06
C LEU A 400 11.03 -1.83 -23.82
N LEU A 401 11.65 -0.68 -24.04
CA LEU A 401 11.04 0.42 -24.78
C LEU A 401 11.87 0.73 -26.03
N LYS A 402 11.27 0.55 -27.20
CA LYS A 402 11.98 0.66 -28.48
C LYS A 402 11.44 1.78 -29.35
N ASP A 403 12.34 2.43 -30.09
CA ASP A 403 12.01 3.49 -31.05
C ASP A 403 11.18 4.62 -30.42
N TYR A 404 11.62 5.06 -29.24
CA TYR A 404 10.92 6.08 -28.47
C TYR A 404 11.54 7.45 -28.69
N VAL A 405 10.72 8.40 -29.11
CA VAL A 405 11.16 9.80 -29.26
C VAL A 405 10.53 10.63 -28.14
N ARG A 406 11.38 11.18 -27.28
CA ARG A 406 10.93 11.92 -26.11
C ARG A 406 10.73 13.41 -26.44
N ASP A 407 9.72 13.71 -27.24
CA ASP A 407 9.34 15.11 -27.47
C ASP A 407 8.39 15.61 -26.36
N ASP A 408 7.93 16.86 -26.48
CA ASP A 408 7.03 17.46 -25.49
C ASP A 408 5.74 16.69 -25.28
N GLU A 409 5.19 16.15 -26.36
CA GLU A 409 3.92 15.45 -26.31
C GLU A 409 4.07 14.07 -25.66
N ALA A 410 5.15 13.35 -25.99
CA ALA A 410 5.46 12.09 -25.35
C ALA A 410 5.71 12.27 -23.85
N ARG A 411 6.33 13.40 -23.49
CA ARG A 411 6.59 13.71 -22.08
C ARG A 411 5.30 13.90 -21.29
N ILE A 412 4.35 14.63 -21.87
CA ILE A 412 3.02 14.83 -21.27
C ILE A 412 2.28 13.49 -21.11
N ASN A 413 2.33 12.65 -22.14
CA ASN A 413 1.77 11.30 -22.06
C ASN A 413 2.31 10.52 -20.86
N GLN A 414 3.62 10.59 -20.66
CA GLN A 414 4.31 9.86 -19.59
C GLN A 414 3.99 10.43 -18.20
N LEU A 415 3.97 11.76 -18.10
CA LEU A 415 3.58 12.42 -16.85
C LEU A 415 2.13 12.10 -16.49
N PHE A 416 1.25 12.13 -17.50
CA PHE A 416 -0.16 11.81 -17.28
C PHE A 416 -0.30 10.35 -16.83
N LEU A 417 0.39 9.44 -17.50
CA LEU A 417 0.39 8.02 -17.14
C LEU A 417 0.82 7.82 -15.69
N THR A 418 1.90 8.50 -15.29
CA THR A 418 2.36 8.45 -13.91
C THR A 418 1.29 8.98 -12.94
N ALA A 419 0.68 10.12 -13.27
CA ALA A 419 -0.37 10.71 -12.45
C ALA A 419 -1.61 9.83 -12.30
N LEU A 420 -1.97 9.08 -13.35
CA LEU A 420 -3.09 8.15 -13.30
C LEU A 420 -2.90 7.10 -12.21
N ASP A 421 -1.66 6.91 -11.79
CA ASP A 421 -1.33 6.07 -10.66
C ASP A 421 -1.15 6.92 -9.39
N LYS A 422 -0.23 7.87 -9.44
CA LYS A 422 0.26 8.56 -8.23
C LYS A 422 -0.69 9.61 -7.62
N ILE A 423 -1.34 10.41 -8.46
CA ILE A 423 -2.25 11.46 -7.97
C ILE A 423 -3.63 10.88 -7.66
N VAL A 424 -4.14 10.07 -8.59
CA VAL A 424 -5.41 9.37 -8.46
C VAL A 424 -5.51 8.58 -7.13
N PHE A 425 -4.40 7.97 -6.74
CA PHE A 425 -4.33 7.16 -5.54
C PHE A 425 -4.56 7.94 -4.25
N LEU A 426 -4.20 9.22 -4.24
CA LEU A 426 -4.20 10.00 -3.00
C LEU A 426 -5.56 10.11 -2.30
N PRO A 427 -6.62 10.56 -3.00
CA PRO A 427 -7.92 10.57 -2.33
C PRO A 427 -8.42 9.16 -2.00
N PHE A 428 -8.13 8.20 -2.87
CA PHE A 428 -8.48 6.80 -2.58
C PHE A 428 -7.92 6.33 -1.23
N ALA A 429 -6.60 6.50 -1.07
CA ALA A 429 -5.92 6.01 0.11
C ALA A 429 -6.41 6.71 1.37
N PHE A 430 -6.65 8.01 1.25
CA PHE A 430 -7.15 8.80 2.39
C PHE A 430 -8.50 8.25 2.85
N THR A 431 -9.39 7.95 1.90
CA THR A 431 -10.74 7.49 2.25
C THR A 431 -10.80 6.11 2.90
N MET A 432 -9.81 5.27 2.61
CA MET A 432 -9.76 3.92 3.19
C MET A 432 -9.67 4.02 4.71
N ASP A 433 -8.83 4.92 5.21
CA ASP A 433 -8.71 5.10 6.65
C ASP A 433 -9.68 6.11 7.25
N LYS A 434 -10.05 7.15 6.50
CA LYS A 434 -11.13 8.04 6.94
C LYS A 434 -12.39 7.22 7.23
N TYR A 435 -12.70 6.27 6.35
CA TYR A 435 -13.84 5.38 6.59
C TYR A 435 -13.70 4.59 7.87
N ARG A 436 -12.61 3.83 7.98
CA ARG A 436 -12.43 2.95 9.13
C ARG A 436 -12.26 3.76 10.43
N TRP A 437 -11.59 4.91 10.36
CA TRP A 437 -11.50 5.78 11.53
C TRP A 437 -12.88 6.16 12.05
N SER A 438 -13.79 6.52 11.13
CA SER A 438 -15.13 6.96 11.52
C SER A 438 -15.94 5.84 12.19
N LEU A 439 -15.73 4.61 11.75
CA LEU A 439 -16.38 3.46 12.40
C LEU A 439 -15.76 3.17 13.77
N PHE A 440 -14.43 3.18 13.83
CA PHE A 440 -13.67 2.97 15.07
C PHE A 440 -14.06 4.00 16.15
N ARG A 441 -14.25 5.24 15.72
CA ARG A 441 -14.56 6.36 16.60
C ARG A 441 -16.04 6.41 16.99
N GLY A 442 -16.85 5.54 16.40
CA GLY A 442 -18.29 5.48 16.68
C GLY A 442 -19.04 6.68 16.12
N GLU A 443 -18.54 7.22 15.00
CA GLU A 443 -19.11 8.42 14.40
C GLU A 443 -20.22 8.11 13.39
N VAL A 444 -20.35 6.83 13.01
CA VAL A 444 -21.38 6.41 12.08
C VAL A 444 -22.24 5.31 12.73
N ASP A 445 -23.56 5.49 12.69
CA ASP A 445 -24.49 4.46 13.15
C ASP A 445 -24.44 3.25 12.22
N LYS A 446 -24.53 2.05 12.80
CA LYS A 446 -24.47 0.80 12.04
C LYS A 446 -25.45 0.75 10.87
N ALA A 447 -26.59 1.43 11.03
CA ALA A 447 -27.60 1.53 9.97
C ALA A 447 -27.12 2.32 8.75
N ASN A 448 -26.03 3.05 8.90
CA ASN A 448 -25.52 3.93 7.84
C ASN A 448 -24.11 3.58 7.35
N TRP A 449 -23.62 2.38 7.70
CA TRP A 449 -22.24 1.99 7.42
C TRP A 449 -21.87 1.88 5.93
N ASN A 450 -22.75 1.33 5.11
CA ASN A 450 -22.42 1.18 3.69
C ASN A 450 -22.40 2.50 2.92
N CYS A 451 -23.45 3.30 3.08
CA CYS A 451 -23.50 4.56 2.35
C CYS A 451 -22.47 5.58 2.88
N ALA A 452 -22.05 5.42 4.13
CA ALA A 452 -20.92 6.20 4.66
C ALA A 452 -19.63 5.93 3.87
N PHE A 453 -19.44 4.68 3.46
CA PHE A 453 -18.31 4.30 2.59
C PHE A 453 -18.41 4.99 1.24
N TRP A 454 -19.54 4.81 0.57
CA TRP A 454 -19.72 5.38 -0.77
C TRP A 454 -19.78 6.91 -0.77
N LYS A 455 -20.24 7.51 0.34
CA LYS A 455 -20.21 8.97 0.50
C LYS A 455 -18.79 9.53 0.46
N LEU A 456 -17.88 8.87 1.17
CA LEU A 456 -16.47 9.26 1.15
C LEU A 456 -15.82 9.06 -0.22
N ARG A 457 -16.09 7.93 -0.86
CA ARG A 457 -15.58 7.66 -2.21
C ARG A 457 -16.04 8.75 -3.20
N ASP A 458 -17.29 9.18 -3.05
CA ASP A 458 -17.87 10.27 -3.84
C ASP A 458 -17.17 11.60 -3.50
N GLU A 459 -17.22 11.99 -2.23
CA GLU A 459 -16.69 13.28 -1.78
C GLU A 459 -15.23 13.52 -2.19
N TYR A 460 -14.38 12.50 -2.03
CA TYR A 460 -12.94 12.66 -2.27
C TYR A 460 -12.49 12.28 -3.69
N SER A 461 -12.98 11.16 -4.20
CA SER A 461 -12.51 10.63 -5.49
C SER A 461 -13.43 10.93 -6.66
N GLY A 462 -14.69 11.28 -6.38
CA GLY A 462 -15.65 11.57 -7.45
C GLY A 462 -15.93 10.36 -8.32
N ILE A 463 -15.98 9.20 -7.68
CA ILE A 463 -16.34 7.95 -8.34
C ILE A 463 -17.56 7.36 -7.62
N GLU A 464 -18.23 6.41 -8.27
CA GLU A 464 -19.41 5.76 -7.69
C GLU A 464 -19.54 4.34 -8.24
N PRO A 465 -20.31 3.47 -7.56
CA PRO A 465 -20.56 2.13 -8.08
C PRO A 465 -21.30 2.14 -9.42
N PRO A 466 -21.19 1.05 -10.19
CA PRO A 466 -21.84 0.94 -11.49
C PRO A 466 -23.35 0.71 -11.37
N VAL A 467 -23.77 0.22 -10.22
CA VAL A 467 -25.17 -0.09 -9.95
C VAL A 467 -25.55 0.52 -8.60
N VAL A 468 -26.86 0.67 -8.39
CA VAL A 468 -27.36 1.19 -7.12
C VAL A 468 -27.09 0.19 -5.98
N ARG A 469 -26.43 0.69 -4.93
CA ARG A 469 -26.20 -0.06 -3.71
C ARG A 469 -27.07 0.49 -2.60
N SER A 470 -27.19 -0.26 -1.51
CA SER A 470 -27.94 0.17 -0.34
C SER A 470 -27.29 -0.36 0.92
N GLU A 471 -27.95 -0.17 2.05
CA GLU A 471 -27.48 -0.71 3.33
C GLU A 471 -27.66 -2.22 3.41
N LYS A 472 -28.27 -2.82 2.38
CA LYS A 472 -28.34 -4.27 2.26
C LYS A 472 -27.02 -4.85 1.74
N ASP A 473 -26.19 -3.99 1.14
CA ASP A 473 -24.86 -4.38 0.71
C ASP A 473 -23.83 -3.88 1.73
N PHE A 474 -22.63 -4.45 1.70
CA PHE A 474 -21.54 -3.96 2.54
C PHE A 474 -20.22 -4.10 1.80
N ASP A 475 -19.82 -3.00 1.16
CA ASP A 475 -18.82 -3.04 0.09
C ASP A 475 -17.35 -2.82 0.50
N ALA A 476 -17.14 -2.25 1.68
CA ALA A 476 -15.78 -1.93 2.16
C ALA A 476 -14.81 -3.12 2.18
N PRO A 477 -15.24 -4.28 2.72
CA PRO A 477 -14.32 -5.43 2.81
C PRO A 477 -13.94 -6.05 1.46
N ALA A 478 -14.54 -5.57 0.37
CA ALA A 478 -14.16 -6.00 -0.98
C ALA A 478 -12.74 -5.53 -1.35
N LYS A 479 -12.20 -4.61 -0.56
CA LYS A 479 -10.79 -4.21 -0.69
C LYS A 479 -9.96 -5.05 0.29
N TYR A 480 -8.92 -5.69 -0.21
CA TYR A 480 -8.11 -6.63 0.59
C TYR A 480 -7.78 -6.13 1.99
N HIS A 481 -7.21 -4.93 2.07
CA HIS A 481 -6.73 -4.37 3.34
C HIS A 481 -7.81 -4.20 4.38
N ILE A 482 -9.05 -4.00 3.93
CA ILE A 482 -10.17 -3.86 4.85
C ILE A 482 -10.58 -5.22 5.43
N SER A 483 -10.66 -6.24 4.58
CA SER A 483 -10.87 -7.62 5.07
C SER A 483 -9.69 -8.12 5.92
N ALA A 484 -8.47 -7.72 5.55
CA ALA A 484 -7.26 -8.24 6.19
C ALA A 484 -6.76 -7.42 7.38
N ASP A 485 -7.51 -6.37 7.73
CA ASP A 485 -7.15 -5.48 8.85
C ASP A 485 -5.72 -4.95 8.72
N VAL A 486 -5.45 -4.32 7.59
CA VAL A 486 -4.16 -3.68 7.35
C VAL A 486 -4.41 -2.18 7.21
N GLU A 487 -3.80 -1.40 8.11
CA GLU A 487 -3.88 0.06 8.09
C GLU A 487 -3.49 0.58 6.69
N TYR A 488 -4.23 1.58 6.19
CA TYR A 488 -4.00 2.06 4.82
C TYR A 488 -3.31 3.42 4.71
N LEU A 489 -3.31 4.20 5.79
CA LEU A 489 -2.70 5.53 5.78
C LEU A 489 -1.22 5.49 5.38
N ARG A 490 -0.56 4.39 5.73
CA ARG A 490 0.81 4.11 5.31
C ARG A 490 1.04 4.39 3.83
N TYR A 491 0.03 4.11 3.00
CA TYR A 491 0.17 4.28 1.55
C TYR A 491 0.00 5.74 1.13
N LEU A 492 -0.88 6.47 1.80
CA LEU A 492 -0.99 7.92 1.57
C LEU A 492 0.32 8.62 1.95
N VAL A 493 0.85 8.29 3.13
CA VAL A 493 2.14 8.82 3.58
C VAL A 493 3.23 8.46 2.57
N SER A 494 3.30 7.18 2.20
CA SER A 494 4.24 6.70 1.18
C SER A 494 4.21 7.51 -0.13
N PHE A 495 3.02 7.70 -0.69
CA PHE A 495 2.90 8.39 -1.97
C PHE A 495 3.35 9.86 -1.92
N ILE A 496 3.31 10.46 -0.74
CA ILE A 496 3.85 11.81 -0.52
C ILE A 496 5.38 11.78 -0.33
N ILE A 497 5.85 10.98 0.62
CA ILE A 497 7.26 10.98 0.98
C ILE A 497 8.17 10.31 -0.06
N GLN A 498 7.62 9.39 -0.87
CA GLN A 498 8.42 8.76 -1.92
C GLN A 498 8.97 9.76 -2.94
N PHE A 499 8.26 10.86 -3.14
CA PHE A 499 8.74 11.93 -4.02
C PHE A 499 9.82 12.77 -3.36
N GLN A 500 9.75 12.91 -2.04
CA GLN A 500 10.82 13.52 -1.26
C GLN A 500 12.10 12.69 -1.40
N PHE A 501 11.99 11.39 -1.21
CA PHE A 501 13.12 10.46 -1.37
C PHE A 501 13.64 10.45 -2.81
N TYR A 502 12.73 10.40 -3.78
CA TYR A 502 13.09 10.33 -5.20
C TYR A 502 13.83 11.58 -5.66
N LYS A 503 13.28 12.75 -5.34
CA LYS A 503 13.92 14.03 -5.68
C LYS A 503 15.35 14.10 -5.13
N SER A 504 15.49 13.80 -3.83
CA SER A 504 16.79 13.83 -3.16
C SER A 504 17.79 12.82 -3.72
N ALA A 505 17.32 11.60 -3.97
CA ALA A 505 18.15 10.54 -4.56
C ALA A 505 18.60 10.91 -5.97
N CYS A 506 17.71 11.54 -6.74
CA CYS A 506 18.03 11.99 -8.08
C CYS A 506 19.06 13.12 -8.08
N ILE A 507 18.94 14.04 -7.13
CA ILE A 507 19.91 15.13 -6.97
C ILE A 507 21.28 14.55 -6.60
N LYS A 508 21.29 13.63 -5.64
CA LYS A 508 22.51 12.92 -5.22
C LYS A 508 23.15 12.14 -6.37
N ALA A 509 22.31 11.55 -7.22
CA ALA A 509 22.77 10.77 -8.37
C ALA A 509 23.23 11.63 -9.55
N GLY A 510 23.06 12.94 -9.44
CA GLY A 510 23.35 13.86 -10.55
C GLY A 510 22.37 13.72 -11.70
N GLN A 511 21.16 13.27 -11.37
CA GLN A 511 20.12 12.97 -12.36
C GLN A 511 19.02 14.02 -12.42
N TYR A 512 19.02 14.95 -11.47
CA TYR A 512 18.05 16.03 -11.46
C TYR A 512 18.66 17.39 -11.15
N ASP A 513 18.43 18.32 -12.06
CA ASP A 513 18.76 19.72 -11.88
C ASP A 513 17.60 20.53 -12.44
N PRO A 514 16.90 21.30 -11.58
CA PRO A 514 15.73 22.10 -11.96
C PRO A 514 16.02 23.19 -12.98
N ASP A 515 17.29 23.57 -13.11
CA ASP A 515 17.72 24.60 -14.06
C ASP A 515 18.32 24.00 -15.34
N ASN A 516 18.32 22.68 -15.43
CA ASN A 516 18.84 21.97 -16.60
C ASN A 516 17.75 21.17 -17.30
N VAL A 517 17.39 21.63 -18.50
CA VAL A 517 16.34 21.01 -19.33
C VAL A 517 16.63 19.54 -19.68
N GLU A 518 17.91 19.17 -19.66
CA GLU A 518 18.32 17.80 -19.99
C GLU A 518 18.22 16.84 -18.81
N LEU A 519 17.99 17.38 -17.61
CA LEU A 519 17.86 16.55 -16.40
C LEU A 519 16.51 16.78 -15.68
N PRO A 520 15.39 16.40 -16.34
CA PRO A 520 14.09 16.59 -15.67
C PRO A 520 13.82 15.49 -14.65
N LEU A 521 13.11 15.83 -13.59
CA LEU A 521 12.83 14.88 -12.50
C LEU A 521 12.10 13.64 -13.01
N ASP A 522 11.19 13.84 -13.96
CA ASP A 522 10.36 12.76 -14.50
C ASP A 522 11.09 11.80 -15.47
N ASN A 523 12.39 12.02 -15.68
CA ASN A 523 13.18 11.06 -16.45
C ASN A 523 14.47 10.61 -15.73
N CYS A 524 14.49 10.81 -14.40
CA CYS A 524 15.63 10.42 -13.58
C CYS A 524 15.72 8.90 -13.38
N ASP A 525 16.91 8.35 -13.61
CA ASP A 525 17.18 6.94 -13.36
C ASP A 525 18.30 6.81 -12.32
N ILE A 526 17.96 6.27 -11.15
CA ILE A 526 18.93 6.10 -10.08
C ILE A 526 19.67 4.75 -10.12
N TYR A 527 19.44 3.95 -11.17
CA TYR A 527 20.17 2.70 -11.35
C TYR A 527 21.67 2.97 -11.33
N GLY A 528 22.41 2.13 -10.62
CA GLY A 528 23.88 2.24 -10.57
C GLY A 528 24.44 3.31 -9.64
N SER A 529 23.57 4.07 -8.98
CA SER A 529 24.01 5.17 -8.12
C SER A 529 24.30 4.72 -6.69
N ALA A 530 25.59 4.64 -6.35
CA ALA A 530 26.02 4.33 -4.99
C ALA A 530 25.72 5.48 -4.03
N ALA A 531 25.73 6.70 -4.55
CA ALA A 531 25.42 7.89 -3.77
C ALA A 531 23.96 7.91 -3.29
N ALA A 532 23.03 7.56 -4.17
CA ALA A 532 21.62 7.40 -3.80
C ALA A 532 21.46 6.24 -2.81
N GLY A 533 22.18 5.14 -3.09
CA GLY A 533 22.19 3.97 -2.20
C GLY A 533 22.70 4.28 -0.80
N ALA A 534 23.69 5.17 -0.70
CA ALA A 534 24.25 5.59 0.58
C ALA A 534 23.20 6.28 1.46
N ALA A 535 22.37 7.11 0.83
CA ALA A 535 21.27 7.78 1.52
C ALA A 535 20.28 6.74 2.08
N PHE A 536 19.92 5.75 1.26
CA PHE A 536 19.07 4.65 1.69
C PHE A 536 19.67 3.86 2.84
N HIS A 537 20.95 3.50 2.72
CA HIS A 537 21.62 2.78 3.80
C HIS A 537 21.55 3.55 5.12
N ASN A 538 21.88 4.84 5.07
CA ASN A 538 21.87 5.71 6.25
C ASN A 538 20.51 5.74 6.96
N MET A 539 19.44 5.77 6.18
CA MET A 539 18.09 5.85 6.71
C MET A 539 17.55 4.49 7.13
N LEU A 540 17.62 3.51 6.21
CA LEU A 540 17.00 2.21 6.47
C LEU A 540 17.64 1.44 7.61
N SER A 541 18.97 1.58 7.78
CA SER A 541 19.70 0.86 8.83
C SER A 541 19.23 1.26 10.23
N MET A 542 18.61 2.43 10.35
CA MET A 542 18.10 2.94 11.62
C MET A 542 16.88 2.17 12.12
N GLY A 543 16.13 1.57 11.20
CA GLY A 543 14.84 0.98 11.53
C GLY A 543 13.97 1.98 12.27
N ALA A 544 13.44 1.54 13.41
CA ALA A 544 12.61 2.40 14.25
C ALA A 544 13.34 2.89 15.50
N SER A 545 14.68 2.91 15.45
CA SER A 545 15.52 3.32 16.59
C SER A 545 15.38 4.80 16.98
N LYS A 546 14.90 5.61 16.03
CA LYS A 546 14.68 7.04 16.25
C LYS A 546 13.34 7.46 15.66
N PRO A 547 12.70 8.52 16.20
CA PRO A 547 11.48 9.06 15.59
C PRO A 547 11.71 9.37 14.11
N TRP A 548 10.68 9.21 13.29
CA TRP A 548 10.82 9.26 11.82
C TRP A 548 11.47 10.53 11.24
N PRO A 549 11.26 11.71 11.87
CA PRO A 549 11.96 12.88 11.34
C PRO A 549 13.49 12.75 11.36
N ASP A 550 14.03 11.98 12.31
CA ASP A 550 15.46 11.71 12.37
C ASP A 550 15.90 10.77 11.25
N ALA A 551 14.99 9.88 10.83
CA ALA A 551 15.26 8.97 9.74
C ALA A 551 15.24 9.69 8.40
N LEU A 552 14.28 10.61 8.23
CA LEU A 552 14.26 11.49 7.06
C LEU A 552 15.51 12.36 7.00
N GLU A 553 15.92 12.91 8.14
CA GLU A 553 17.11 13.76 8.24
C GLU A 553 18.38 13.02 7.79
N ALA A 554 18.46 11.74 8.13
CA ALA A 554 19.58 10.89 7.75
C ALA A 554 19.65 10.68 6.24
N PHE A 555 18.49 10.75 5.58
CA PHE A 555 18.42 10.60 4.14
C PHE A 555 18.84 11.88 3.41
N ASN A 556 18.22 13.01 3.76
CA ASN A 556 18.42 14.25 3.00
C ASN A 556 18.51 15.55 3.81
N GLY A 557 18.63 15.42 5.13
CA GLY A 557 18.74 16.60 6.00
C GLY A 557 17.44 17.30 6.34
N GLU A 558 16.31 16.77 5.86
CA GLU A 558 15.00 17.37 6.13
C GLU A 558 14.29 16.62 7.25
N ARG A 559 13.36 17.29 7.93
CA ARG A 559 12.66 16.72 9.08
C ARG A 559 11.15 16.80 8.96
N ILE A 560 10.67 17.33 7.84
CA ILE A 560 9.25 17.61 7.66
C ILE A 560 8.67 16.86 6.44
N MET A 561 7.52 16.21 6.66
CA MET A 561 6.74 15.63 5.57
C MET A 561 6.13 16.77 4.74
N SER A 562 6.35 16.73 3.43
CA SER A 562 6.01 17.85 2.57
C SER A 562 5.50 17.41 1.19
N GLY A 563 4.49 18.11 0.70
CA GLY A 563 3.97 17.87 -0.65
C GLY A 563 4.69 18.63 -1.75
N LYS A 564 5.75 19.36 -1.37
CA LYS A 564 6.52 20.15 -2.34
C LYS A 564 7.07 19.30 -3.48
N ALA A 565 7.65 18.14 -3.13
CA ALA A 565 8.34 17.29 -4.11
C ALA A 565 7.37 16.64 -5.11
N ILE A 566 6.24 16.13 -4.64
CA ILE A 566 5.26 15.55 -5.54
C ILE A 566 4.68 16.63 -6.49
N ALA A 567 4.45 17.82 -5.96
CA ALA A 567 3.95 18.93 -6.79
C ALA A 567 4.99 19.38 -7.84
N GLU A 568 6.27 19.32 -7.44
CA GLU A 568 7.38 19.69 -8.32
C GLU A 568 7.48 18.72 -9.48
N TYR A 569 7.35 17.42 -9.18
CA TYR A 569 7.35 16.37 -10.19
C TYR A 569 6.29 16.60 -11.26
N PHE A 570 5.08 16.94 -10.83
CA PHE A 570 3.92 17.03 -11.72
C PHE A 570 3.62 18.42 -12.25
N GLU A 571 4.44 19.40 -11.88
CA GLU A 571 4.22 20.80 -12.28
C GLU A 571 4.07 21.02 -13.81
N PRO A 572 4.92 20.36 -14.64
CA PRO A 572 4.70 20.49 -16.08
C PRO A 572 3.35 19.94 -16.55
N LEU A 573 2.89 18.86 -15.92
CA LEU A 573 1.57 18.31 -16.22
C LEU A 573 0.45 19.26 -15.79
N ARG A 574 0.57 19.82 -14.58
CA ARG A 574 -0.43 20.75 -14.06
C ARG A 574 -0.64 21.92 -15.02
N VAL A 575 0.46 22.51 -15.47
CA VAL A 575 0.41 23.64 -16.40
C VAL A 575 -0.30 23.26 -17.70
N TRP A 576 0.11 22.13 -18.30
CA TRP A 576 -0.49 21.68 -19.56
C TRP A 576 -1.96 21.32 -19.40
N LEU A 577 -2.28 20.61 -18.31
CA LEU A 577 -3.63 20.10 -18.09
C LEU A 577 -4.66 21.19 -17.79
N GLU A 578 -4.27 22.17 -16.96
CA GLU A 578 -5.13 23.31 -16.70
C GLU A 578 -5.49 24.01 -18.00
N ALA A 579 -4.50 24.18 -18.88
CA ALA A 579 -4.69 24.81 -20.18
C ALA A 579 -5.54 23.96 -21.12
N GLU A 580 -5.32 22.64 -21.08
CA GLU A 580 -6.04 21.72 -21.96
C GLU A 580 -7.52 21.61 -21.61
N ASN A 581 -7.83 21.62 -20.31
CA ASN A 581 -9.20 21.59 -19.84
C ASN A 581 -9.97 22.87 -20.22
N ILE A 582 -9.30 24.01 -20.15
CA ILE A 582 -9.88 25.28 -20.60
C ILE A 582 -10.08 25.27 -22.11
N LYS A 583 -9.08 24.80 -22.85
CA LYS A 583 -9.14 24.67 -24.31
C LYS A 583 -10.35 23.86 -24.75
N ASN A 584 -10.65 22.81 -24.00
CA ASN A 584 -11.73 21.88 -24.32
C ASN A 584 -13.01 22.13 -23.52
N ASN A 585 -13.06 23.23 -22.78
CA ASN A 585 -14.24 23.60 -21.97
C ASN A 585 -14.70 22.44 -21.08
N VAL A 586 -13.72 21.79 -20.43
CA VAL A 586 -13.97 20.59 -19.65
C VAL A 586 -14.62 20.93 -18.31
N HIS A 587 -15.73 20.26 -18.01
CA HIS A 587 -16.41 20.46 -16.74
C HIS A 587 -15.60 19.85 -15.60
N ILE A 588 -15.43 20.63 -14.53
CA ILE A 588 -14.66 20.21 -13.35
C ILE A 588 -15.59 20.09 -12.15
N GLY A 589 -15.44 19.00 -11.41
CA GLY A 589 -16.25 18.76 -10.22
C GLY A 589 -17.43 17.84 -10.54
N TRP A 590 -18.16 17.45 -9.50
CA TRP A 590 -19.25 16.49 -9.67
C TRP A 590 -20.41 16.71 -8.72
N THR A 591 -21.61 16.36 -9.19
CA THR A 591 -22.79 16.35 -8.36
C THR A 591 -22.75 15.14 -7.40
N THR A 592 -23.54 15.19 -6.34
CA THR A 592 -23.59 14.11 -5.36
C THR A 592 -24.19 12.85 -5.99
N SER A 593 -23.53 11.72 -5.75
CA SER A 593 -23.93 10.44 -6.33
C SER A 593 -25.32 9.99 -5.88
N ASN A 594 -26.04 9.32 -6.78
CA ASN A 594 -27.35 8.72 -6.54
CA ASN A 594 -27.34 8.76 -6.42
C ASN A 594 -27.29 7.22 -6.34
N LYS A 595 -26.08 6.67 -6.25
CA LYS A 595 -25.84 5.22 -6.28
C LYS A 595 -25.84 4.47 -4.94
N CYS A 596 -26.09 5.16 -3.83
CA CYS A 596 -26.27 4.48 -2.54
C CYS A 596 -27.52 5.00 -1.85
N VAL A 597 -28.56 4.16 -1.84
CA VAL A 597 -29.87 4.51 -1.27
C VAL A 597 -29.88 4.30 0.25
N SER A 598 -30.15 5.36 0.99
CA SER A 598 -30.16 5.35 2.45
C SER A 598 -31.39 4.63 2.99
#